data_8F17
#
_entry.id   8F17
#
_cell.length_a   38.030
_cell.length_b   72.710
_cell.length_c   59.790
_cell.angle_alpha   90.00
_cell.angle_beta   96.31
_cell.angle_gamma   90.00
#
_symmetry.space_group_name_H-M   'P 1 21 1'
#
loop_
_entity.id
_entity.type
_entity.pdbx_description
1 polymer 'E3 ubiquitin-protein ligase CHIP'
2 polymer 'all-D Helicon Polypeptide H204'
3 non-polymer "N,N'-(1,4-phenylene)diacetamide"
4 non-polymer 1,2-ETHANEDIOL
5 water water
#
loop_
_entity_poly.entity_id
_entity_poly.type
_entity_poly.pdbx_seq_one_letter_code
_entity_poly.pdbx_strand_id
1 'polypeptide(L)'
;GASPSAQELKEQGNRLFVGRKYPEAAACYGRAITRNPLVAVYYTNRALCYLKMQQHEQALADCRRALELDGQSVKAHFFL
GQCQLEMESYDEAIANLQRAYSLAKEQRLNFGDDIPSALRIAKKKRWNSIEERR
;
A,B
2 'polypeptide(D)'
;(ACE)(DPR)(DLE)(DAS)(DLE)(DCY)(DTY)(DTR)(DAL)(DSN)(DLE)(DHI)(DCY)(DIL)(DVA)(DSN)
(NH2)
;
C,D
#
# COMPACT_ATOMS: atom_id res chain seq x y z
N PRO A 4 17.79 18.40 -5.72
CA PRO A 4 16.93 17.22 -5.57
C PRO A 4 15.75 17.22 -6.55
N SER A 5 15.48 16.07 -7.16
CA SER A 5 14.36 15.94 -8.08
C SER A 5 13.05 15.94 -7.29
N ALA A 6 11.94 16.05 -8.03
CA ALA A 6 10.62 16.03 -7.39
C ALA A 6 10.34 14.69 -6.73
N GLN A 7 10.77 13.60 -7.37
CA GLN A 7 10.60 12.28 -6.77
C GLN A 7 11.35 12.17 -5.45
N GLU A 8 12.60 12.65 -5.41
CA GLU A 8 13.37 12.63 -4.18
C GLU A 8 12.74 13.49 -3.10
N LEU A 9 12.12 14.60 -3.49
CA LEU A 9 11.44 15.45 -2.51
C LEU A 9 10.20 14.78 -1.95
N LYS A 10 9.43 14.08 -2.79
CA LYS A 10 8.30 13.30 -2.29
C LYS A 10 8.77 12.24 -1.31
N GLU A 11 9.90 11.59 -1.59
CA GLU A 11 10.42 10.57 -0.69
C GLU A 11 10.88 11.18 0.63
N GLN A 12 11.42 12.40 0.61
CA GLN A 12 11.82 13.04 1.86
C GLN A 12 10.61 13.49 2.67
N GLY A 13 9.57 13.96 2.00
CA GLY A 13 8.33 14.29 2.69
C GLY A 13 7.66 13.06 3.28
N ASN A 14 7.74 11.93 2.56
CA ASN A 14 7.20 10.68 3.08
C ASN A 14 7.92 10.26 4.36
N ARG A 15 9.26 10.37 4.37
CA ARG A 15 10.02 10.02 5.57
C ARG A 15 9.64 10.91 6.75
N LEU A 16 9.42 12.20 6.49
CA LEU A 16 9.03 13.11 7.57
C LEU A 16 7.63 12.79 8.07
N PHE A 17 6.73 12.38 7.17
CA PHE A 17 5.36 12.07 7.58
C PHE A 17 5.33 10.87 8.50
N VAL A 18 6.15 9.86 8.23
CA VAL A 18 6.19 8.66 9.08
C VAL A 18 6.65 9.04 10.49
N GLY A 19 7.44 10.09 10.63
CA GLY A 19 7.87 10.55 11.94
C GLY A 19 7.02 11.68 12.49
N ARG A 20 5.78 11.78 12.01
CA ARG A 20 4.80 12.78 12.43
C ARG A 20 5.24 14.21 12.14
N LYS A 21 6.26 14.41 11.30
CA LYS A 21 6.73 15.76 10.99
C LYS A 21 5.86 16.39 9.91
N TYR A 22 4.58 16.57 10.26
CA TYR A 22 3.58 16.99 9.27
C TYR A 22 3.90 18.34 8.62
N PRO A 23 4.20 19.42 9.36
CA PRO A 23 4.50 20.68 8.67
C PRO A 23 5.73 20.60 7.79
N GLU A 24 6.79 19.96 8.28
CA GLU A 24 8.00 19.79 7.47
C GLU A 24 7.72 18.94 6.24
N ALA A 25 6.90 17.89 6.39
CA ALA A 25 6.55 17.04 5.26
C ALA A 25 5.76 17.82 4.22
N ALA A 26 4.81 18.65 4.66
CA ALA A 26 4.06 19.48 3.73
C ALA A 26 4.98 20.44 2.97
N ALA A 27 6.06 20.91 3.61
CA ALA A 27 7.02 21.74 2.91
C ALA A 27 7.73 20.97 1.82
N CYS A 28 8.10 19.72 2.10
CA CYS A 28 8.76 18.89 1.09
C CYS A 28 7.81 18.56 -0.06
N TYR A 29 6.53 18.36 0.24
CA TYR A 29 5.55 18.11 -0.81
C TYR A 29 5.35 19.35 -1.69
N GLY A 30 5.33 20.54 -1.06
CA GLY A 30 5.31 21.76 -1.84
C GLY A 30 6.56 21.92 -2.70
N ARG A 31 7.69 21.45 -2.20
CA ARG A 31 8.91 21.38 -3.00
C ARG A 31 8.68 20.59 -4.27
N ALA A 32 8.20 19.35 -4.13
CA ALA A 32 7.97 18.49 -5.29
C ALA A 32 6.95 19.11 -6.24
N ILE A 33 5.98 19.86 -5.73
CA ILE A 33 5.01 20.51 -6.58
C ILE A 33 5.66 21.61 -7.41
N THR A 34 6.56 22.39 -6.78
CA THR A 34 7.28 23.41 -7.53
C THR A 34 8.06 22.81 -8.69
N ARG A 35 8.76 21.70 -8.43
CA ARG A 35 9.58 21.09 -9.48
C ARG A 35 8.71 20.46 -10.57
N ASN A 36 7.68 19.73 -10.18
CA ASN A 36 6.74 19.11 -11.13
C ASN A 36 5.34 19.20 -10.57
N PRO A 37 4.57 20.23 -10.95
CA PRO A 37 3.23 20.43 -10.42
C PRO A 37 2.15 19.59 -11.08
N LEU A 38 2.51 18.59 -11.87
CA LEU A 38 1.53 17.77 -12.60
C LEU A 38 1.49 16.33 -12.09
N VAL A 39 1.90 16.11 -10.84
CA VAL A 39 1.83 14.79 -10.21
C VAL A 39 0.80 14.87 -9.09
N ALA A 40 -0.21 14.00 -9.16
CA ALA A 40 -1.35 14.11 -8.26
C ALA A 40 -0.98 13.79 -6.83
N VAL A 41 -0.20 12.72 -6.62
CA VAL A 41 0.05 12.21 -5.27
C VAL A 41 0.79 13.23 -4.41
N TYR A 42 1.51 14.18 -5.02
CA TYR A 42 2.13 15.24 -4.24
C TYR A 42 1.09 16.02 -3.46
N TYR A 43 -0.02 16.38 -4.12
CA TYR A 43 -1.09 17.11 -3.46
C TYR A 43 -1.83 16.21 -2.46
N THR A 44 -2.06 14.94 -2.84
CA THR A 44 -2.76 14.02 -1.95
C THR A 44 -2.00 13.84 -0.64
N ASN A 45 -0.67 13.70 -0.73
CA ASN A 45 0.12 13.47 0.47
C ASN A 45 0.15 14.71 1.35
N ARG A 46 0.26 15.90 0.75
CA ARG A 46 0.26 17.13 1.54
C ARG A 46 -1.12 17.40 2.12
N ALA A 47 -2.18 17.06 1.39
CA ALA A 47 -3.53 17.17 1.92
C ALA A 47 -3.67 16.43 3.25
N LEU A 48 -3.10 15.21 3.30
CA LEU A 48 -3.12 14.45 4.53
C LEU A 48 -2.32 15.13 5.64
N CYS A 49 -1.19 15.76 5.28
CA CYS A 49 -0.44 16.53 6.25
C CYS A 49 -1.31 17.63 6.85
N TYR A 50 -1.96 18.42 5.99
CA TYR A 50 -2.88 19.45 6.46
C TYR A 50 -4.03 18.83 7.25
N LEU A 51 -4.50 17.64 6.83
CA LEU A 51 -5.57 16.98 7.55
C LEU A 51 -5.14 16.59 8.96
N LYS A 52 -3.92 16.05 9.09
CA LYS A 52 -3.37 15.76 10.41
C LYS A 52 -3.09 17.04 11.20
N MET A 53 -3.05 18.20 10.53
CA MET A 53 -2.76 19.47 11.17
C MET A 53 -4.01 20.27 11.48
N GLN A 54 -5.20 19.67 11.37
CA GLN A 54 -6.47 20.31 11.67
C GLN A 54 -6.75 21.53 10.79
N GLN A 55 -6.14 21.59 9.61
CA GLN A 55 -6.33 22.69 8.67
C GLN A 55 -7.10 22.13 7.48
N HIS A 56 -8.43 22.14 7.61
CA HIS A 56 -9.28 21.40 6.67
C HIS A 56 -9.44 22.12 5.35
N GLU A 57 -9.67 23.44 5.37
CA GLU A 57 -9.78 24.20 4.14
C GLU A 57 -8.51 24.06 3.30
N GLN A 58 -7.35 24.07 3.95
CA GLN A 58 -6.11 23.78 3.24
C GLN A 58 -6.12 22.36 2.68
N ALA A 59 -6.69 21.42 3.43
CA ALA A 59 -6.73 20.04 2.97
C ALA A 59 -7.69 19.87 1.80
N LEU A 60 -8.83 20.56 1.83
CA LEU A 60 -9.76 20.57 0.69
C LEU A 60 -9.03 20.89 -0.60
N ALA A 61 -8.34 22.03 -0.62
CA ALA A 61 -7.68 22.49 -1.84
C ALA A 61 -6.81 21.41 -2.46
N ASP A 62 -5.89 20.84 -1.66
CA ASP A 62 -4.98 19.83 -2.19
C ASP A 62 -5.74 18.60 -2.69
N CYS A 63 -6.82 18.21 -2.00
CA CYS A 63 -7.65 17.12 -2.50
C CYS A 63 -8.28 17.50 -3.83
N ARG A 64 -8.67 18.78 -3.98
CA ARG A 64 -9.20 19.25 -5.26
C ARG A 64 -8.14 19.21 -6.34
N ARG A 65 -6.91 19.59 -6.01
N ARG A 65 -6.91 19.61 -6.01
CA ARG A 65 -5.84 19.58 -7.01
CA ARG A 65 -5.83 19.59 -7.01
C ARG A 65 -5.48 18.17 -7.43
C ARG A 65 -5.51 18.16 -7.43
N ALA A 66 -5.47 17.23 -6.48
CA ALA A 66 -5.10 15.85 -6.80
C ALA A 66 -6.12 15.20 -7.72
N LEU A 67 -7.41 15.38 -7.42
CA LEU A 67 -8.46 14.75 -8.21
C LEU A 67 -8.54 15.29 -9.63
N GLU A 68 -7.98 16.47 -9.89
CA GLU A 68 -7.93 16.95 -11.27
C GLU A 68 -6.81 16.27 -12.05
N LEU A 69 -5.65 16.08 -11.42
CA LEU A 69 -4.57 15.35 -12.08
C LEU A 69 -4.85 13.86 -12.14
N ASP A 70 -5.66 13.35 -11.20
CA ASP A 70 -6.05 11.94 -11.21
C ASP A 70 -7.46 11.86 -10.64
N GLY A 71 -8.46 11.85 -11.53
CA GLY A 71 -9.83 11.66 -11.11
C GLY A 71 -10.14 10.28 -10.57
N GLN A 72 -9.25 9.31 -10.81
CA GLN A 72 -9.45 7.94 -10.37
C GLN A 72 -8.78 7.63 -9.04
N SER A 73 -8.11 8.61 -8.43
CA SER A 73 -7.36 8.38 -7.20
C SER A 73 -8.27 7.95 -6.05
N VAL A 74 -8.10 6.72 -5.59
CA VAL A 74 -8.86 6.26 -4.43
C VAL A 74 -8.45 7.02 -3.17
N LYS A 75 -7.14 7.23 -3.00
CA LYS A 75 -6.66 7.89 -1.79
C LYS A 75 -7.15 9.32 -1.69
N ALA A 76 -7.16 10.05 -2.82
CA ALA A 76 -7.59 11.44 -2.79
C ALA A 76 -9.07 11.56 -2.46
N HIS A 77 -9.90 10.71 -3.08
CA HIS A 77 -11.32 10.70 -2.73
C HIS A 77 -11.53 10.34 -1.26
N PHE A 78 -10.70 9.43 -0.75
CA PHE A 78 -10.84 9.01 0.64
C PHE A 78 -10.49 10.14 1.60
N PHE A 79 -9.40 10.86 1.33
CA PHE A 79 -9.04 11.98 2.18
C PHE A 79 -10.01 13.15 2.01
N LEU A 80 -10.51 13.35 0.79
CA LEU A 80 -11.51 14.39 0.57
C LEU A 80 -12.77 14.11 1.37
N GLY A 81 -13.22 12.86 1.37
CA GLY A 81 -14.41 12.52 2.14
C GLY A 81 -14.20 12.62 3.63
N GLN A 82 -13.06 12.14 4.12
CA GLN A 82 -12.76 12.24 5.54
C GLN A 82 -12.61 13.69 5.98
N CYS A 83 -12.02 14.52 5.12
CA CYS A 83 -11.90 15.94 5.45
C CYS A 83 -13.27 16.60 5.54
N GLN A 84 -14.13 16.35 4.56
CA GLN A 84 -15.49 16.87 4.60
C GLN A 84 -16.27 16.31 5.79
N LEU A 85 -15.97 15.08 6.19
CA LEU A 85 -16.66 14.49 7.34
C LEU A 85 -16.32 15.23 8.63
N GLU A 86 -15.03 15.55 8.83
CA GLU A 86 -14.63 16.30 10.02
C GLU A 86 -15.18 17.72 10.00
N MET A 87 -15.52 18.26 8.84
CA MET A 87 -16.21 19.53 8.74
C MET A 87 -17.72 19.38 8.70
N GLU A 88 -18.23 18.17 8.92
CA GLU A 88 -19.66 17.89 9.01
C GLU A 88 -20.39 18.25 7.71
N SER A 89 -19.71 18.13 6.57
CA SER A 89 -20.34 18.19 5.26
C SER A 89 -20.69 16.77 4.83
N TYR A 90 -21.67 16.21 5.53
CA TYR A 90 -21.89 14.76 5.53
C TYR A 90 -22.23 14.23 4.14
N ASP A 91 -23.10 14.93 3.41
CA ASP A 91 -23.56 14.39 2.13
C ASP A 91 -22.44 14.33 1.11
N GLU A 92 -21.66 15.41 0.99
CA GLU A 92 -20.50 15.39 0.10
C GLU A 92 -19.48 14.36 0.58
N ALA A 93 -19.27 14.26 1.89
CA ALA A 93 -18.31 13.31 2.43
C ALA A 93 -18.69 11.88 2.07
N ILE A 94 -19.95 11.52 2.30
CA ILE A 94 -20.41 10.17 1.99
C ILE A 94 -20.30 9.90 0.49
N ALA A 95 -20.61 10.90 -0.34
CA ALA A 95 -20.50 10.73 -1.78
C ALA A 95 -19.06 10.47 -2.21
N ASN A 96 -18.10 11.16 -1.57
CA ASN A 96 -16.70 10.98 -1.93
C ASN A 96 -16.16 9.66 -1.39
N LEU A 97 -16.52 9.30 -0.15
CA LEU A 97 -16.13 7.99 0.38
C LEU A 97 -16.75 6.87 -0.46
N GLN A 98 -17.96 7.09 -0.97
CA GLN A 98 -18.60 6.09 -1.82
C GLN A 98 -17.86 5.93 -3.14
N ARG A 99 -17.44 7.05 -3.75
CA ARG A 99 -16.70 6.94 -5.01
C ARG A 99 -15.31 6.35 -4.78
N ALA A 100 -14.69 6.67 -3.63
CA ALA A 100 -13.44 6.02 -3.28
C ALA A 100 -13.61 4.51 -3.17
N TYR A 101 -14.74 4.06 -2.64
CA TYR A 101 -15.00 2.62 -2.56
C TYR A 101 -15.22 2.03 -3.94
N SER A 102 -15.96 2.73 -4.80
CA SER A 102 -16.22 2.23 -6.15
C SER A 102 -14.92 2.11 -6.94
N LEU A 103 -14.07 3.14 -6.87
CA LEU A 103 -12.79 3.08 -7.56
C LEU A 103 -11.87 2.02 -6.95
N ALA A 104 -11.95 1.82 -5.63
CA ALA A 104 -11.12 0.80 -5.00
C ALA A 104 -11.47 -0.60 -5.49
N LYS A 105 -12.76 -0.89 -5.66
CA LYS A 105 -13.14 -2.20 -6.17
C LYS A 105 -12.77 -2.36 -7.63
N GLU A 106 -12.83 -1.27 -8.41
CA GLU A 106 -12.42 -1.34 -9.80
C GLU A 106 -10.93 -1.62 -9.92
N GLN A 107 -10.12 -0.88 -9.17
CA GLN A 107 -8.68 -1.07 -9.15
C GLN A 107 -8.24 -2.16 -8.18
N ARG A 108 -9.19 -2.82 -7.51
CA ARG A 108 -8.91 -3.89 -6.56
C ARG A 108 -8.04 -3.39 -5.41
N LEU A 109 -8.39 -2.23 -4.88
CA LEU A 109 -7.72 -1.64 -3.72
C LEU A 109 -8.60 -1.67 -2.48
N ASN A 110 -9.63 -2.52 -2.46
CA ASN A 110 -10.52 -2.66 -1.32
C ASN A 110 -10.01 -3.82 -0.45
N PHE A 111 -9.40 -3.48 0.68
CA PHE A 111 -8.77 -4.46 1.56
C PHE A 111 -9.64 -4.65 2.80
N GLY A 112 -10.06 -5.89 3.03
CA GLY A 112 -10.89 -6.18 4.18
C GLY A 112 -12.16 -5.37 4.17
N ASP A 113 -12.53 -4.88 5.36
CA ASP A 113 -13.69 -4.02 5.54
C ASP A 113 -13.30 -2.56 5.73
N ASP A 114 -12.14 -2.16 5.22
CA ASP A 114 -11.58 -0.84 5.51
C ASP A 114 -12.47 0.31 5.04
N ILE A 115 -12.58 0.50 3.73
CA ILE A 115 -13.38 1.61 3.19
C ILE A 115 -14.87 1.42 3.51
N PRO A 116 -15.44 0.20 3.40
CA PRO A 116 -16.83 0.02 3.88
C PRO A 116 -17.05 0.47 5.31
N SER A 117 -16.09 0.23 6.21
CA SER A 117 -16.23 0.71 7.58
C SER A 117 -16.21 2.23 7.64
N ALA A 118 -15.43 2.87 6.78
CA ALA A 118 -15.45 4.34 6.72
C ALA A 118 -16.81 4.83 6.27
N LEU A 119 -17.44 4.16 5.31
CA LEU A 119 -18.78 4.52 4.89
C LEU A 119 -19.77 4.42 6.04
N ARG A 120 -19.73 3.31 6.78
CA ARG A 120 -20.68 3.11 7.88
C ARG A 120 -20.48 4.15 8.98
N ILE A 121 -19.23 4.47 9.29
CA ILE A 121 -18.95 5.48 10.31
C ILE A 121 -19.46 6.85 9.86
N ALA A 122 -19.29 7.17 8.58
CA ALA A 122 -19.77 8.45 8.07
C ALA A 122 -21.30 8.50 8.07
N LYS A 123 -21.93 7.42 7.62
CA LYS A 123 -23.40 7.40 7.59
C LYS A 123 -23.98 7.43 8.98
N LYS A 124 -23.33 6.77 9.94
CA LYS A 124 -23.80 6.80 11.33
C LYS A 124 -23.65 8.19 11.92
N LYS A 125 -22.52 8.85 11.66
CA LYS A 125 -22.32 10.21 12.14
C LYS A 125 -23.34 11.16 11.51
N ARG A 126 -23.68 10.92 10.24
CA ARG A 126 -24.70 11.74 9.58
C ARG A 126 -26.06 11.55 10.24
N TRP A 127 -26.42 10.30 10.52
CA TRP A 127 -27.67 10.05 11.23
C TRP A 127 -27.69 10.73 12.59
N ASN A 128 -26.54 10.78 13.27
CA ASN A 128 -26.49 11.37 14.60
C ASN A 128 -26.73 12.88 14.56
N SER A 129 -26.11 13.57 13.60
CA SER A 129 -26.26 15.02 13.54
C SER A 129 -27.65 15.44 13.08
N ILE A 130 -28.29 14.65 12.21
CA ILE A 130 -29.62 14.99 11.74
C ILE A 130 -30.59 15.03 12.90
N GLU A 131 -30.36 14.17 13.90
CA GLU A 131 -31.24 14.14 15.06
C GLU A 131 -31.07 15.38 15.92
N GLU A 132 -29.97 16.11 15.77
CA GLU A 132 -29.72 17.30 16.56
C GLU A 132 -29.86 18.53 15.68
N PRO B 4 13.10 0.77 -22.85
CA PRO B 4 12.32 0.92 -21.61
C PRO B 4 13.17 0.78 -20.36
N SER B 5 12.98 1.68 -19.40
CA SER B 5 13.75 1.61 -18.17
C SER B 5 13.25 0.47 -17.29
N ALA B 6 14.06 0.12 -16.29
CA ALA B 6 13.68 -0.95 -15.37
C ALA B 6 12.42 -0.59 -14.59
N GLN B 7 12.21 0.69 -14.32
CA GLN B 7 11.02 1.12 -13.57
C GLN B 7 9.76 0.93 -14.41
N GLU B 8 9.81 1.33 -15.69
CA GLU B 8 8.65 1.16 -16.54
C GLU B 8 8.31 -0.30 -16.75
N LEU B 9 9.31 -1.18 -16.67
CA LEU B 9 9.05 -2.61 -16.78
C LEU B 9 8.35 -3.14 -15.54
N LYS B 10 8.71 -2.64 -14.36
CA LYS B 10 8.04 -3.06 -13.14
C LYS B 10 6.57 -2.63 -13.16
N GLU B 11 6.30 -1.40 -13.60
CA GLU B 11 4.92 -0.93 -13.73
C GLU B 11 4.14 -1.81 -14.70
N GLN B 12 4.74 -2.14 -15.84
CA GLN B 12 4.11 -3.07 -16.78
C GLN B 12 3.88 -4.42 -16.11
N GLY B 13 4.82 -4.87 -15.29
CA GLY B 13 4.60 -6.08 -14.52
C GLY B 13 3.51 -5.92 -13.48
N ASN B 14 3.44 -4.73 -12.87
CA ASN B 14 2.37 -4.46 -11.91
C ASN B 14 1.00 -4.48 -12.59
N ARG B 15 0.89 -3.81 -13.73
CA ARG B 15 -0.38 -3.78 -14.46
C ARG B 15 -0.83 -5.19 -14.83
N LEU B 16 0.10 -6.03 -15.27
CA LEU B 16 -0.25 -7.40 -15.62
C LEU B 16 -0.67 -8.20 -14.39
N PHE B 17 -0.01 -7.96 -13.26
CA PHE B 17 -0.37 -8.68 -12.04
C PHE B 17 -1.77 -8.29 -11.57
N VAL B 18 -2.13 -7.01 -11.68
CA VAL B 18 -3.47 -6.58 -11.30
C VAL B 18 -4.50 -7.23 -12.22
N GLY B 19 -4.09 -7.57 -13.43
CA GLY B 19 -4.96 -8.26 -14.36
C GLY B 19 -4.89 -9.76 -14.24
N ARG B 20 -4.29 -10.27 -13.15
N ARG B 20 -4.27 -10.26 -13.16
CA ARG B 20 -4.24 -11.71 -12.86
CA ARG B 20 -4.26 -11.71 -12.88
C ARG B 20 -3.51 -12.48 -13.95
C ARG B 20 -3.52 -12.48 -13.96
N LYS B 21 -2.59 -11.81 -14.65
CA LYS B 21 -1.80 -12.41 -15.71
C LYS B 21 -0.39 -12.61 -15.16
N TYR B 22 -0.25 -13.62 -14.33
CA TYR B 22 0.97 -13.89 -13.59
C TYR B 22 2.12 -14.34 -14.49
N PRO B 23 1.90 -15.24 -15.47
CA PRO B 23 3.01 -15.55 -16.39
C PRO B 23 3.55 -14.33 -17.12
N GLU B 24 2.67 -13.50 -17.67
CA GLU B 24 3.12 -12.30 -18.36
C GLU B 24 3.75 -11.31 -17.40
N ALA B 25 3.23 -11.22 -16.18
CA ALA B 25 3.80 -10.31 -15.19
C ALA B 25 5.16 -10.79 -14.72
N ALA B 26 5.30 -12.10 -14.48
CA ALA B 26 6.58 -12.63 -14.03
C ALA B 26 7.67 -12.45 -15.10
N ALA B 27 7.28 -12.53 -16.37
CA ALA B 27 8.25 -12.29 -17.44
C ALA B 27 8.73 -10.86 -17.43
N CYS B 28 7.83 -9.91 -17.16
CA CYS B 28 8.22 -8.50 -17.10
C CYS B 28 9.15 -8.24 -15.92
N TYR B 29 8.83 -8.78 -14.75
CA TYR B 29 9.72 -8.62 -13.59
C TYR B 29 11.08 -9.23 -13.87
N GLY B 30 11.11 -10.40 -14.52
CA GLY B 30 12.38 -10.97 -14.93
C GLY B 30 13.11 -10.13 -15.95
N ARG B 31 12.38 -9.38 -16.77
CA ARG B 31 13.02 -8.44 -17.68
C ARG B 31 13.44 -7.17 -16.96
N ALA B 32 12.65 -6.74 -15.97
CA ALA B 32 13.07 -5.63 -15.12
C ALA B 32 14.32 -5.98 -14.32
N ILE B 33 14.45 -7.25 -13.93
CA ILE B 33 15.67 -7.71 -13.27
C ILE B 33 16.86 -7.64 -14.22
N THR B 34 16.62 -7.86 -15.52
CA THR B 34 17.70 -7.77 -16.50
C THR B 34 18.22 -6.34 -16.62
N ARG B 35 17.31 -5.35 -16.66
CA ARG B 35 17.73 -3.96 -16.77
C ARG B 35 18.45 -3.50 -15.51
N ASN B 36 18.05 -4.01 -14.35
CA ASN B 36 18.61 -3.57 -13.07
C ASN B 36 18.42 -4.70 -12.06
N PRO B 37 19.47 -5.48 -11.78
CA PRO B 37 19.32 -6.62 -10.87
C PRO B 37 19.63 -6.27 -9.42
N LEU B 38 19.60 -4.99 -9.08
CA LEU B 38 19.91 -4.54 -7.73
C LEU B 38 18.72 -3.95 -7.01
N VAL B 39 17.50 -4.17 -7.51
CA VAL B 39 16.28 -3.69 -6.89
C VAL B 39 15.56 -4.89 -6.30
N ALA B 40 15.44 -4.94 -4.97
CA ALA B 40 14.83 -6.09 -4.31
C ALA B 40 13.36 -6.22 -4.67
N VAL B 41 12.69 -5.10 -4.94
CA VAL B 41 11.25 -5.13 -5.19
C VAL B 41 10.93 -5.97 -6.44
N TYR B 42 11.84 -6.00 -7.41
CA TYR B 42 11.62 -6.83 -8.60
C TYR B 42 11.52 -8.30 -8.24
N TYR B 43 12.40 -8.78 -7.36
CA TYR B 43 12.36 -10.19 -6.98
C TYR B 43 11.16 -10.50 -6.12
N THR B 44 10.78 -9.58 -5.21
CA THR B 44 9.64 -9.82 -4.35
C THR B 44 8.34 -9.89 -5.15
N ASN B 45 8.18 -8.96 -6.10
CA ASN B 45 6.98 -8.95 -6.92
C ASN B 45 6.91 -10.19 -7.81
N ARG B 46 8.03 -10.61 -8.39
CA ARG B 46 8.03 -11.84 -9.18
C ARG B 46 7.80 -13.06 -8.30
N ALA B 47 8.28 -13.03 -7.06
CA ALA B 47 7.99 -14.11 -6.12
C ALA B 47 6.48 -14.26 -5.92
N LEU B 48 5.77 -13.14 -5.81
CA LEU B 48 4.31 -13.20 -5.68
C LEU B 48 3.66 -13.78 -6.91
N CYS B 49 4.24 -13.53 -8.09
CA CYS B 49 3.74 -14.15 -9.31
C CYS B 49 3.87 -15.67 -9.24
N TYR B 50 5.04 -16.15 -8.81
CA TYR B 50 5.25 -17.59 -8.70
C TYR B 50 4.37 -18.22 -7.62
N LEU B 51 4.05 -17.47 -6.56
CA LEU B 51 3.14 -17.97 -5.55
C LEU B 51 1.73 -18.16 -6.10
N LYS B 52 1.26 -17.19 -6.90
CA LYS B 52 -0.04 -17.35 -7.54
C LYS B 52 -0.02 -18.50 -8.55
N MET B 53 1.11 -18.67 -9.24
CA MET B 53 1.31 -19.84 -10.08
C MET B 53 1.50 -21.12 -9.27
N GLN B 54 1.74 -21.00 -7.96
CA GLN B 54 2.02 -22.13 -7.08
C GLN B 54 3.25 -22.90 -7.56
N GLN B 55 4.29 -22.14 -7.90
CA GLN B 55 5.63 -22.67 -8.18
C GLN B 55 6.52 -22.19 -7.03
N HIS B 56 6.59 -23.01 -5.97
CA HIS B 56 7.19 -22.57 -4.72
C HIS B 56 8.72 -22.51 -4.77
N GLU B 57 9.35 -23.29 -5.66
CA GLU B 57 10.81 -23.27 -5.72
C GLU B 57 11.34 -21.95 -6.29
N GLN B 58 10.69 -21.42 -7.33
CA GLN B 58 11.14 -20.16 -7.90
C GLN B 58 10.62 -18.97 -7.10
N ALA B 59 9.51 -19.13 -6.39
CA ALA B 59 9.09 -18.10 -5.44
C ALA B 59 10.06 -18.01 -4.27
N LEU B 60 10.50 -19.16 -3.77
CA LEU B 60 11.47 -19.18 -2.68
C LEU B 60 12.80 -18.56 -3.10
N ALA B 61 13.21 -18.80 -4.35
CA ALA B 61 14.48 -18.25 -4.82
C ALA B 61 14.44 -16.73 -4.91
N ASP B 62 13.37 -16.19 -5.48
CA ASP B 62 13.26 -14.74 -5.60
C ASP B 62 13.13 -14.08 -4.23
N CYS B 63 12.47 -14.76 -3.29
CA CYS B 63 12.43 -14.25 -1.92
C CYS B 63 13.82 -14.21 -1.31
N ARG B 64 14.70 -15.14 -1.70
CA ARG B 64 16.07 -15.12 -1.19
C ARG B 64 16.86 -13.95 -1.79
N ARG B 65 16.72 -13.73 -3.10
CA ARG B 65 17.43 -12.64 -3.75
C ARG B 65 16.96 -11.29 -3.22
N ALA B 66 15.67 -11.17 -2.91
CA ALA B 66 15.13 -9.91 -2.43
C ALA B 66 15.68 -9.57 -1.04
N LEU B 67 15.80 -10.57 -0.17
CA LEU B 67 16.18 -10.32 1.22
C LEU B 67 17.66 -9.96 1.39
N GLU B 68 18.45 -10.04 0.33
CA GLU B 68 19.83 -9.58 0.40
C GLU B 68 19.95 -8.10 0.04
N LEU B 69 19.32 -7.70 -1.07
CA LEU B 69 19.26 -6.30 -1.43
C LEU B 69 18.46 -5.48 -0.42
N ASP B 70 17.63 -6.14 0.38
CA ASP B 70 16.83 -5.47 1.42
C ASP B 70 16.52 -6.50 2.50
N GLY B 71 17.41 -6.60 3.48
CA GLY B 71 17.17 -7.44 4.64
C GLY B 71 16.10 -6.92 5.57
N GLN B 72 15.54 -5.75 5.29
CA GLN B 72 14.50 -5.14 6.10
C GLN B 72 13.12 -5.24 5.49
N SER B 73 12.99 -5.93 4.35
CA SER B 73 11.74 -5.97 3.61
C SER B 73 10.69 -6.72 4.41
N VAL B 74 9.63 -6.01 4.82
CA VAL B 74 8.48 -6.66 5.45
C VAL B 74 7.82 -7.61 4.46
N LYS B 75 7.63 -7.15 3.22
CA LYS B 75 6.91 -7.96 2.23
C LYS B 75 7.67 -9.22 1.86
N ALA B 76 9.01 -9.12 1.75
CA ALA B 76 9.78 -10.28 1.34
C ALA B 76 9.87 -11.33 2.44
N HIS B 77 9.95 -10.90 3.70
CA HIS B 77 9.89 -11.86 4.80
C HIS B 77 8.52 -12.52 4.86
N PHE B 78 7.46 -11.76 4.60
CA PHE B 78 6.11 -12.33 4.57
C PHE B 78 5.97 -13.36 3.46
N PHE B 79 6.40 -13.01 2.25
CA PHE B 79 6.32 -13.93 1.13
C PHE B 79 7.24 -15.13 1.32
N LEU B 80 8.39 -14.94 1.97
CA LEU B 80 9.26 -16.06 2.32
C LEU B 80 8.55 -17.01 3.27
N GLY B 81 7.89 -16.47 4.29
CA GLY B 81 7.16 -17.32 5.21
C GLY B 81 6.01 -18.05 4.54
N GLN B 82 5.24 -17.34 3.72
CA GLN B 82 4.15 -17.98 2.99
C GLN B 82 4.69 -19.06 2.06
N CYS B 83 5.84 -18.82 1.43
CA CYS B 83 6.40 -19.81 0.52
C CYS B 83 6.91 -21.04 1.27
N GLN B 84 7.60 -20.83 2.39
CA GLN B 84 8.05 -21.96 3.20
C GLN B 84 6.88 -22.71 3.82
N LEU B 85 5.78 -22.00 4.11
CA LEU B 85 4.58 -22.66 4.63
C LEU B 85 4.03 -23.65 3.62
N GLU B 86 3.95 -23.26 2.35
CA GLU B 86 3.45 -24.15 1.32
C GLU B 86 4.37 -25.36 1.11
N MET B 87 5.66 -25.21 1.41
CA MET B 87 6.61 -26.30 1.32
C MET B 87 6.73 -27.09 2.61
N GLU B 88 5.90 -26.80 3.61
CA GLU B 88 5.89 -27.47 4.90
C GLU B 88 7.22 -27.33 5.64
N SER B 89 7.89 -26.19 5.46
CA SER B 89 9.01 -25.80 6.32
C SER B 89 8.48 -24.86 7.40
N TYR B 90 7.78 -25.47 8.36
CA TYR B 90 6.93 -24.71 9.28
C TYR B 90 7.74 -23.79 10.18
N ASP B 91 8.79 -24.31 10.81
CA ASP B 91 9.54 -23.51 11.77
C ASP B 91 10.26 -22.34 11.09
N GLU B 92 10.76 -22.55 9.88
CA GLU B 92 11.34 -21.43 9.13
C GLU B 92 10.27 -20.43 8.70
N ALA B 93 9.10 -20.93 8.30
CA ALA B 93 8.03 -20.04 7.85
C ALA B 93 7.53 -19.17 8.99
N ILE B 94 7.32 -19.76 10.16
CA ILE B 94 6.79 -19.01 11.29
C ILE B 94 7.80 -17.97 11.77
N ALA B 95 9.08 -18.33 11.78
CA ALA B 95 10.12 -17.38 12.18
C ALA B 95 10.20 -16.21 11.19
N ASN B 96 10.00 -16.47 9.91
CA ASN B 96 10.06 -15.40 8.92
C ASN B 96 8.81 -14.53 8.97
N LEU B 97 7.65 -15.13 9.25
CA LEU B 97 6.45 -14.34 9.48
C LEU B 97 6.58 -13.51 10.75
N GLN B 98 7.34 -14.01 11.73
CA GLN B 98 7.56 -13.25 12.96
C GLN B 98 8.44 -12.03 12.70
N ARG B 99 9.55 -12.22 11.98
CA ARG B 99 10.41 -11.09 11.65
C ARG B 99 9.70 -10.11 10.73
N ALA B 100 8.82 -10.60 9.85
CA ALA B 100 7.99 -9.70 9.05
C ALA B 100 7.09 -8.86 9.93
N TYR B 101 6.60 -9.43 11.04
CA TYR B 101 5.74 -8.68 11.93
C TYR B 101 6.53 -7.65 12.73
N SER B 102 7.69 -8.04 13.25
CA SER B 102 8.54 -7.09 13.97
C SER B 102 9.00 -5.95 13.07
N LEU B 103 9.42 -6.29 11.84
CA LEU B 103 9.81 -5.26 10.89
C LEU B 103 8.63 -4.35 10.55
N ALA B 104 7.43 -4.92 10.49
CA ALA B 104 6.25 -4.13 10.14
C ALA B 104 5.91 -3.14 11.24
N LYS B 105 6.04 -3.55 12.51
CA LYS B 105 5.60 -2.69 13.61
C LYS B 105 6.49 -1.47 13.78
N GLU B 106 7.79 -1.62 13.54
CA GLU B 106 8.69 -0.48 13.67
C GLU B 106 8.73 0.38 12.42
N GLN B 107 8.46 -0.21 11.24
CA GLN B 107 8.23 0.58 10.05
C GLN B 107 6.80 1.14 9.99
N ARG B 108 6.01 0.89 11.04
CA ARG B 108 4.62 1.35 11.12
C ARG B 108 3.79 0.83 9.94
N LEU B 109 4.04 -0.42 9.55
CA LEU B 109 3.31 -1.06 8.46
C LEU B 109 2.43 -2.20 8.97
N ASN B 110 2.08 -2.20 10.26
CA ASN B 110 1.21 -3.22 10.83
C ASN B 110 -0.22 -2.70 10.79
N PHE B 111 -1.03 -3.26 9.89
CA PHE B 111 -2.40 -2.80 9.65
C PHE B 111 -3.37 -3.86 10.13
N GLY B 112 -4.25 -3.47 11.04
CA GLY B 112 -5.27 -4.38 11.54
C GLY B 112 -4.67 -5.63 12.14
N ASP B 113 -5.27 -6.77 11.83
CA ASP B 113 -4.84 -8.07 12.33
C ASP B 113 -4.26 -8.93 11.21
N ASP B 114 -3.62 -8.29 10.23
CA ASP B 114 -3.20 -8.98 9.02
C ASP B 114 -2.07 -9.99 9.26
N ILE B 115 -0.88 -9.51 9.59
CA ILE B 115 0.26 -10.40 9.84
C ILE B 115 0.02 -11.25 11.08
N PRO B 116 -0.56 -10.74 12.16
CA PRO B 116 -0.94 -11.63 13.27
C PRO B 116 -1.78 -12.82 12.84
N SER B 117 -2.81 -12.60 12.01
CA SER B 117 -3.62 -13.72 11.53
C SER B 117 -2.80 -14.66 10.67
N ALA B 118 -1.81 -14.14 9.94
CA ALA B 118 -0.92 -15.01 9.18
C ALA B 118 -0.10 -15.90 10.10
N LEU B 119 0.30 -15.36 11.25
CA LEU B 119 1.03 -16.17 12.23
C LEU B 119 0.14 -17.29 12.78
N ARG B 120 -1.11 -16.96 13.14
CA ARG B 120 -2.01 -17.96 13.69
C ARG B 120 -2.27 -19.08 12.69
N ILE B 121 -2.56 -18.70 11.43
CA ILE B 121 -2.83 -19.70 10.40
C ILE B 121 -1.60 -20.58 10.17
N ALA B 122 -0.41 -19.97 10.16
CA ALA B 122 0.81 -20.74 9.92
C ALA B 122 1.09 -21.70 11.06
N LYS B 123 0.84 -21.28 12.30
CA LYS B 123 1.04 -22.17 13.45
C LYS B 123 0.04 -23.32 13.42
N LYS B 124 -1.22 -23.01 13.14
CA LYS B 124 -2.25 -24.05 13.10
C LYS B 124 -1.96 -25.08 12.02
N LYS B 125 -1.48 -24.63 10.86
CA LYS B 125 -1.07 -25.56 9.82
C LYS B 125 0.07 -26.45 10.31
N ARG B 126 1.00 -25.89 11.07
CA ARG B 126 2.07 -26.70 11.66
C ARG B 126 1.50 -27.71 12.65
N TRP B 127 0.62 -27.26 13.54
CA TRP B 127 0.02 -28.17 14.50
C TRP B 127 -0.79 -29.26 13.80
N ASN B 128 -1.52 -28.89 12.75
CA ASN B 128 -2.33 -29.87 12.01
C ASN B 128 -1.48 -31.01 11.46
N SER B 129 -0.22 -30.74 11.12
CA SER B 129 0.71 -31.78 10.72
C SER B 129 1.41 -32.44 11.91
N ILE B 130 1.04 -32.06 13.13
CA ILE B 130 1.59 -32.67 14.34
C ILE B 130 0.52 -33.18 15.29
N GLU B 131 -0.71 -32.67 15.25
CA GLU B 131 -1.78 -33.11 16.12
C GLU B 131 -2.44 -34.38 15.60
N GLU B 132 -3.35 -34.93 16.40
CA GLU B 132 -4.29 -35.97 16.00
C GLU B 132 -5.28 -36.28 17.12
#